data_7TIQ
#
_entry.id   7TIQ
#
_entity_poly.entity_id   1
_entity_poly.type   'polypeptide(L)'
_entity_poly.pdbx_seq_one_letter_code
;ADNKFNKEQQNAFYEILHLPNLNE(AIB)QR(AIB)AFI(AIB)SL(AIB)DDPSQSANLLAEAKKLNDAQAPK(NH2)
;
_entity_poly.pdbx_strand_id   A
#
# COMPACT_ATOMS: atom_id res chain seq x y z
N ALA A 1 -1.45 -11.29 -21.82
CA ALA A 1 -0.54 -10.85 -22.90
C ALA A 1 0.75 -10.28 -22.34
N ASP A 2 0.71 -9.02 -21.92
CA ASP A 2 1.90 -8.36 -21.40
C ASP A 2 1.96 -8.46 -19.89
N ASN A 3 2.85 -9.30 -19.39
CA ASN A 3 3.02 -9.44 -17.95
C ASN A 3 3.76 -8.24 -17.39
N LYS A 4 3.32 -7.76 -16.25
CA LYS A 4 3.86 -6.54 -15.68
C LYS A 4 4.36 -6.78 -14.26
N PHE A 5 3.46 -7.24 -13.39
CA PHE A 5 3.80 -7.49 -12.00
C PHE A 5 3.22 -8.82 -11.52
N ASN A 6 3.98 -9.54 -10.72
CA ASN A 6 3.56 -10.82 -10.20
C ASN A 6 3.47 -10.80 -8.68
N LYS A 7 4.63 -10.87 -8.03
CA LYS A 7 4.69 -10.92 -6.58
C LYS A 7 4.65 -9.52 -5.99
N GLU A 8 4.96 -8.53 -6.82
CA GLU A 8 4.98 -7.13 -6.39
C GLU A 8 3.63 -6.71 -5.83
N GLN A 9 2.55 -7.27 -6.37
CA GLN A 9 1.21 -7.00 -5.87
C GLN A 9 1.08 -7.42 -4.41
N GLN A 10 1.52 -8.64 -4.13
CA GLN A 10 1.42 -9.22 -2.80
C GLN A 10 2.36 -8.48 -1.84
N ASN A 11 3.52 -8.09 -2.34
CA ASN A 11 4.47 -7.33 -1.56
C ASN A 11 3.88 -5.98 -1.18
N ALA A 12 3.25 -5.33 -2.15
CA ALA A 12 2.60 -4.05 -1.93
C ALA A 12 1.54 -4.17 -0.85
N PHE A 13 0.73 -5.22 -0.95
CA PHE A 13 -0.27 -5.53 0.06
C PHE A 13 0.39 -5.60 1.44
N TYR A 14 1.43 -6.41 1.54
CA TYR A 14 2.17 -6.58 2.79
C TYR A 14 2.66 -5.24 3.32
N GLU A 15 3.26 -4.43 2.44
CA GLU A 15 3.82 -3.15 2.86
C GLU A 15 2.75 -2.23 3.43
N ILE A 16 1.60 -2.18 2.76
CA ILE A 16 0.50 -1.32 3.21
C ILE A 16 -0.01 -1.77 4.58
N LEU A 17 -0.08 -3.08 4.79
CA LEU A 17 -0.52 -3.61 6.07
C LEU A 17 0.56 -3.49 7.14
N HIS A 18 1.81 -3.45 6.70
CA HIS A 18 2.95 -3.39 7.62
C HIS A 18 3.16 -1.98 8.15
N LEU A 19 2.58 -1.00 7.46
CA LEU A 19 2.67 0.40 7.88
C LEU A 19 1.99 0.60 9.24
N PRO A 20 2.78 0.89 10.27
CA PRO A 20 2.30 0.95 11.67
C PRO A 20 1.48 2.20 11.98
N ASN A 21 1.73 3.27 11.25
CA ASN A 21 1.10 4.55 11.55
C ASN A 21 -0.10 4.78 10.64
N LEU A 22 -0.31 3.86 9.71
CA LEU A 22 -1.40 3.97 8.76
C LEU A 22 -2.74 3.73 9.45
N ASN A 23 -3.61 4.71 9.36
CA ASN A 23 -4.94 4.63 9.96
C ASN A 23 -5.72 3.46 9.38
N GLU A 24 -6.47 2.75 10.22
CA GLU A 24 -7.23 1.58 9.79
C GLU A 24 -8.08 1.90 8.56
N GLN A 26 -7.78 4.24 6.36
CA GLN A 26 -6.92 4.49 5.21
C GLN A 26 -6.41 3.18 4.64
N ARG A 27 -5.95 2.29 5.51
CA ARG A 27 -5.47 0.97 5.08
C ARG A 27 -6.57 0.21 4.35
N ALA A 29 -9.04 1.46 2.77
CA ALA A 29 -9.19 2.12 1.49
C ALA A 29 -8.13 1.67 0.49
N PHE A 30 -6.86 1.69 0.90
CA PHE A 30 -5.76 1.29 0.03
C PHE A 30 -5.88 -0.17 -0.40
N ILE A 31 -6.25 -1.04 0.52
CA ILE A 31 -6.47 -2.44 0.19
C ILE A 31 -7.60 -2.58 -0.82
N SER A 33 -8.65 -0.40 -2.95
CA SER A 33 -8.20 0.12 -4.23
C SER A 33 -7.22 -0.83 -4.90
N LEU A 34 -6.40 -1.51 -4.09
CA LEU A 34 -5.42 -2.44 -4.63
C LEU A 34 -6.14 -3.66 -5.21
N ASP A 36 -9.12 -3.56 -6.22
CA ASP A 36 -9.82 -2.98 -7.37
C ASP A 36 -8.91 -2.94 -8.59
N ASP A 37 -7.73 -2.37 -8.43
CA ASP A 37 -6.75 -2.30 -9.51
C ASP A 37 -5.33 -2.43 -8.95
N PRO A 38 -4.75 -3.64 -9.03
CA PRO A 38 -3.40 -3.92 -8.54
C PRO A 38 -2.33 -3.09 -9.26
N SER A 39 -2.71 -2.45 -10.35
CA SER A 39 -1.80 -1.60 -11.09
C SER A 39 -1.55 -0.29 -10.35
N GLN A 40 -2.40 0.00 -9.35
CA GLN A 40 -2.24 1.19 -8.53
C GLN A 40 -1.33 0.93 -7.34
N SER A 41 -0.87 -0.32 -7.21
CA SER A 41 -0.13 -0.76 -6.03
C SER A 41 0.98 0.19 -5.62
N ALA A 42 1.79 0.63 -6.58
CA ALA A 42 2.93 1.50 -6.29
C ALA A 42 2.47 2.88 -5.81
N ASN A 43 1.42 3.39 -6.42
CA ASN A 43 0.89 4.71 -6.05
C ASN A 43 0.18 4.63 -4.72
N LEU A 44 -0.47 3.50 -4.47
CA LEU A 44 -1.14 3.27 -3.20
C LEU A 44 -0.10 3.15 -2.09
N LEU A 45 0.99 2.46 -2.41
CA LEU A 45 2.13 2.38 -1.50
C LEU A 45 2.66 3.75 -1.18
N ALA A 46 2.87 4.54 -2.22
CA ALA A 46 3.37 5.90 -2.08
C ALA A 46 2.51 6.71 -1.12
N GLU A 47 1.22 6.79 -1.41
CA GLU A 47 0.31 7.57 -0.59
C GLU A 47 0.21 7.02 0.82
N ALA A 48 0.14 5.70 0.93
CA ALA A 48 0.07 5.04 2.22
C ALA A 48 1.29 5.33 3.07
N LYS A 49 2.46 5.31 2.44
CA LYS A 49 3.71 5.58 3.13
C LYS A 49 3.83 7.05 3.48
N LYS A 50 3.28 7.91 2.62
CA LYS A 50 3.24 9.34 2.90
C LYS A 50 2.36 9.62 4.12
N LEU A 51 1.20 8.99 4.15
CA LEU A 51 0.26 9.16 5.24
C LEU A 51 0.82 8.52 6.51
N ASN A 52 1.51 7.39 6.35
CA ASN A 52 2.17 6.72 7.46
C ASN A 52 3.26 7.61 8.04
N ASP A 53 3.95 8.31 7.14
CA ASP A 53 5.00 9.24 7.53
C ASP A 53 4.40 10.44 8.25
N ALA A 54 3.29 10.93 7.75
CA ALA A 54 2.61 12.08 8.33
C ALA A 54 2.03 11.73 9.71
N GLN A 55 1.52 10.52 9.83
CA GLN A 55 0.90 10.08 11.08
C GLN A 55 1.93 9.43 12.00
N ALA A 56 3.20 9.60 11.67
CA ALA A 56 4.29 9.10 12.50
C ALA A 56 4.48 9.98 13.72
N PRO A 57 4.84 9.38 14.87
CA PRO A 57 5.14 10.13 16.09
C PRO A 57 6.40 10.98 15.94
N LYS A 58 6.23 12.18 15.41
CA LYS A 58 7.35 13.06 15.14
C LYS A 58 7.47 14.12 16.22
N ALA A 1 7.55 -13.70 -18.77
CA ALA A 1 7.89 -12.25 -18.78
C ALA A 1 6.92 -11.46 -17.91
N ASP A 2 6.64 -11.99 -16.72
CA ASP A 2 5.71 -11.34 -15.80
C ASP A 2 6.37 -11.10 -14.45
N ASN A 3 7.15 -10.02 -14.37
CA ASN A 3 7.72 -9.60 -13.10
C ASN A 3 7.41 -8.13 -12.85
N LYS A 4 6.29 -7.67 -13.39
CA LYS A 4 5.86 -6.30 -13.22
C LYS A 4 5.18 -6.15 -11.88
N PHE A 5 4.16 -6.96 -11.66
CA PHE A 5 3.45 -7.00 -10.39
C PHE A 5 3.41 -8.41 -9.86
N ASN A 6 4.44 -9.18 -10.21
CA ASN A 6 4.57 -10.57 -9.79
C ASN A 6 4.84 -10.67 -8.29
N LYS A 7 5.63 -9.73 -7.80
CA LYS A 7 5.92 -9.64 -6.38
C LYS A 7 5.77 -8.21 -5.88
N GLU A 8 5.93 -7.25 -6.79
CA GLU A 8 5.83 -5.84 -6.44
C GLU A 8 4.49 -5.52 -5.77
N GLN A 9 3.43 -6.08 -6.32
CA GLN A 9 2.08 -5.84 -5.80
C GLN A 9 1.94 -6.46 -4.41
N GLN A 10 2.50 -7.65 -4.24
CA GLN A 10 2.47 -8.35 -2.97
C GLN A 10 3.26 -7.58 -1.92
N ASN A 11 4.39 -7.03 -2.34
CA ASN A 11 5.23 -6.21 -1.47
C ASN A 11 4.51 -4.92 -1.12
N ALA A 12 3.73 -4.41 -2.06
CA ALA A 12 2.92 -3.23 -1.82
C ALA A 12 1.91 -3.49 -0.73
N PHE A 13 1.14 -4.56 -0.91
CA PHE A 13 0.16 -4.99 0.09
C PHE A 13 0.85 -5.19 1.44
N TYR A 14 1.94 -5.94 1.41
CA TYR A 14 2.73 -6.20 2.60
C TYR A 14 3.09 -4.92 3.33
N GLU A 15 3.64 -3.95 2.61
CA GLU A 15 4.07 -2.69 3.19
C GLU A 15 2.90 -1.89 3.72
N ILE A 16 1.80 -1.86 2.98
CA ILE A 16 0.62 -1.12 3.38
C ILE A 16 0.09 -1.64 4.72
N LEU A 17 0.13 -2.96 4.91
CA LEU A 17 -0.29 -3.55 6.17
C LEU A 17 0.82 -3.46 7.21
N HIS A 18 2.06 -3.35 6.74
CA HIS A 18 3.23 -3.23 7.60
C HIS A 18 3.27 -1.86 8.25
N LEU A 19 2.74 -0.86 7.56
CA LEU A 19 2.69 0.50 8.05
C LEU A 19 1.87 0.59 9.34
N PRO A 20 2.54 0.83 10.48
CA PRO A 20 1.92 0.81 11.80
C PRO A 20 1.12 2.08 12.11
N ASN A 21 1.47 3.17 11.43
CA ASN A 21 0.86 4.46 11.71
C ASN A 21 -0.25 4.75 10.72
N LEU A 22 -0.49 3.79 9.83
CA LEU A 22 -1.53 3.92 8.84
C LEU A 22 -2.89 3.62 9.47
N ASN A 23 -3.66 4.69 9.71
CA ASN A 23 -4.99 4.56 10.30
C ASN A 23 -5.83 3.51 9.58
N GLU A 24 -6.52 2.68 10.36
CA GLU A 24 -7.24 1.51 9.84
C GLU A 24 -8.07 1.85 8.59
N GLN A 26 -7.82 4.18 6.44
CA GLN A 26 -6.99 4.48 5.28
C GLN A 26 -6.40 3.20 4.68
N ARG A 27 -5.99 2.28 5.54
CA ARG A 27 -5.45 1.00 5.10
C ARG A 27 -6.51 0.23 4.32
N ALA A 29 -9.00 1.50 2.79
CA ALA A 29 -9.16 2.22 1.54
C ALA A 29 -8.09 1.81 0.52
N PHE A 30 -6.84 1.71 0.96
CA PHE A 30 -5.75 1.34 0.06
C PHE A 30 -5.89 -0.11 -0.42
N ILE A 31 -6.25 -1.01 0.47
CA ILE A 31 -6.45 -2.42 0.09
C ILE A 31 -7.59 -2.52 -0.92
N SER A 33 -8.72 -0.20 -2.85
CA SER A 33 -8.27 0.45 -4.07
C SER A 33 -7.32 -0.44 -4.84
N LEU A 34 -6.52 -1.21 -4.11
CA LEU A 34 -5.57 -2.14 -4.73
C LEU A 34 -6.31 -3.26 -5.43
N ASP A 36 -9.26 -3.04 -6.49
CA ASP A 36 -9.94 -2.39 -7.61
C ASP A 36 -9.01 -2.23 -8.80
N ASP A 37 -7.77 -1.82 -8.54
CA ASP A 37 -6.79 -1.65 -9.59
C ASP A 37 -5.43 -2.13 -9.11
N PRO A 38 -5.07 -3.39 -9.43
CA PRO A 38 -3.81 -4.00 -8.98
C PRO A 38 -2.57 -3.33 -9.58
N SER A 39 -2.79 -2.47 -10.56
CA SER A 39 -1.69 -1.79 -11.23
C SER A 39 -1.34 -0.49 -10.50
N GLN A 40 -2.19 -0.10 -9.56
CA GLN A 40 -1.96 1.11 -8.78
C GLN A 40 -1.35 0.75 -7.43
N SER A 41 -1.07 -0.53 -7.24
CA SER A 41 -0.59 -1.06 -5.97
C SER A 41 0.64 -0.30 -5.46
N ALA A 42 1.59 -0.03 -6.34
CA ALA A 42 2.83 0.64 -5.94
C ALA A 42 2.56 2.12 -5.61
N ASN A 43 1.64 2.72 -6.35
CA ASN A 43 1.28 4.12 -6.12
C ASN A 43 0.49 4.25 -4.83
N LEU A 44 -0.38 3.28 -4.58
CA LEU A 44 -1.16 3.22 -3.36
C LEU A 44 -0.23 3.01 -2.18
N LEU A 45 0.78 2.19 -2.39
CA LEU A 45 1.83 1.98 -1.41
C LEU A 45 2.50 3.32 -1.09
N ALA A 46 2.86 4.04 -2.14
CA ALA A 46 3.51 5.34 -2.01
C ALA A 46 2.68 6.29 -1.16
N GLU A 47 1.39 6.41 -1.50
CA GLU A 47 0.48 7.28 -0.75
C GLU A 47 0.34 6.81 0.69
N ALA A 48 0.24 5.50 0.86
CA ALA A 48 0.14 4.91 2.19
C ALA A 48 1.36 5.26 3.02
N LYS A 49 2.54 5.18 2.40
CA LYS A 49 3.78 5.53 3.07
C LYS A 49 3.80 7.01 3.43
N LYS A 50 3.27 7.84 2.55
CA LYS A 50 3.20 9.28 2.80
C LYS A 50 2.32 9.57 4.01
N LEU A 51 1.14 8.97 4.01
CA LEU A 51 0.21 9.16 5.12
C LEU A 51 0.78 8.57 6.40
N ASN A 52 1.43 7.42 6.29
CA ASN A 52 2.04 6.76 7.44
C ASN A 52 3.15 7.62 8.02
N ASP A 53 3.89 8.29 7.13
CA ASP A 53 4.96 9.18 7.53
C ASP A 53 4.39 10.42 8.22
N ALA A 54 3.28 10.90 7.71
CA ALA A 54 2.59 12.04 8.30
C ALA A 54 2.08 11.67 9.70
N GLN A 55 1.55 10.47 9.82
CA GLN A 55 1.00 9.98 11.08
C GLN A 55 2.09 9.42 11.97
N ALA A 56 3.33 9.53 11.51
CA ALA A 56 4.48 9.03 12.24
C ALA A 56 5.06 10.11 13.14
N PRO A 57 5.84 9.74 14.17
CA PRO A 57 6.49 10.70 15.07
C PRO A 57 7.17 11.84 14.30
N LYS A 58 7.93 11.47 13.28
CA LYS A 58 8.58 12.46 12.43
C LYS A 58 7.65 12.85 11.29
N ALA A 1 -2.64 -16.57 -15.69
CA ALA A 1 -2.72 -15.64 -16.84
C ALA A 1 -2.05 -14.31 -16.51
N ASP A 2 -1.83 -14.06 -15.22
CA ASP A 2 -1.19 -12.82 -14.79
C ASP A 2 0.32 -13.01 -14.68
N ASN A 3 1.06 -12.04 -15.19
CA ASN A 3 2.50 -12.03 -15.09
C ASN A 3 2.99 -10.65 -14.72
N LYS A 4 2.12 -9.89 -14.05
CA LYS A 4 2.43 -8.53 -13.67
C LYS A 4 2.28 -8.33 -12.16
N PHE A 5 1.28 -8.96 -11.58
CA PHE A 5 0.95 -8.74 -10.18
C PHE A 5 1.12 -10.01 -9.36
N ASN A 6 2.05 -10.86 -9.79
CA ASN A 6 2.29 -12.13 -9.12
C ASN A 6 2.82 -11.89 -7.71
N LYS A 7 3.97 -11.25 -7.61
CA LYS A 7 4.57 -10.99 -6.32
C LYS A 7 4.34 -9.54 -5.89
N GLU A 8 4.29 -8.65 -6.87
CA GLU A 8 4.14 -7.23 -6.62
C GLU A 8 2.91 -6.93 -5.77
N GLN A 9 1.81 -7.58 -6.08
CA GLN A 9 0.56 -7.38 -5.33
C GLN A 9 0.74 -7.81 -3.88
N GLN A 10 1.43 -8.92 -3.68
CA GLN A 10 1.65 -9.46 -2.35
C GLN A 10 2.56 -8.54 -1.54
N ASN A 11 3.61 -8.06 -2.18
CA ASN A 11 4.55 -7.14 -1.53
C ASN A 11 3.85 -5.84 -1.16
N ALA A 12 3.10 -5.29 -2.11
CA ALA A 12 2.38 -4.04 -1.90
C ALA A 12 1.38 -4.19 -0.76
N PHE A 13 0.63 -5.28 -0.78
CA PHE A 13 -0.33 -5.59 0.27
C PHE A 13 0.36 -5.60 1.62
N TYR A 14 1.41 -6.42 1.72
CA TYR A 14 2.17 -6.53 2.95
C TYR A 14 2.66 -5.17 3.43
N GLU A 15 3.26 -4.39 2.53
CA GLU A 15 3.81 -3.11 2.90
C GLU A 15 2.76 -2.15 3.42
N ILE A 16 1.61 -2.10 2.75
CA ILE A 16 0.52 -1.21 3.14
C ILE A 16 -0.01 -1.57 4.52
N LEU A 17 -0.17 -2.86 4.77
CA LEU A 17 -0.68 -3.33 6.05
C LEU A 17 0.40 -3.24 7.13
N HIS A 18 1.65 -3.29 6.72
CA HIS A 18 2.79 -3.26 7.65
C HIS A 18 3.10 -1.83 8.09
N LEU A 19 2.46 -0.86 7.46
CA LEU A 19 2.64 0.54 7.85
C LEU A 19 2.07 0.79 9.24
N PRO A 20 2.95 1.07 10.21
CA PRO A 20 2.56 1.14 11.63
C PRO A 20 1.71 2.35 11.98
N ASN A 21 1.82 3.41 11.20
CA ASN A 21 1.13 4.66 11.52
C ASN A 21 -0.05 4.89 10.58
N LEU A 22 -0.29 3.93 9.70
CA LEU A 22 -1.41 4.00 8.79
C LEU A 22 -2.70 3.66 9.52
N ASN A 23 -3.67 4.56 9.48
CA ASN A 23 -4.93 4.34 10.18
C ASN A 23 -5.76 3.25 9.51
N GLU A 24 -6.60 2.58 10.28
CA GLU A 24 -7.37 1.45 9.77
C GLU A 24 -8.19 1.84 8.55
N GLN A 26 -7.79 4.20 6.43
CA GLN A 26 -6.89 4.42 5.30
C GLN A 26 -6.43 3.08 4.72
N ARG A 27 -6.00 2.19 5.59
CA ARG A 27 -5.52 0.87 5.18
C ARG A 27 -6.62 0.12 4.42
N ALA A 29 -9.10 1.42 2.82
CA ALA A 29 -9.25 2.11 1.55
C ALA A 29 -8.19 1.66 0.55
N PHE A 30 -6.94 1.59 1.00
CA PHE A 30 -5.84 1.19 0.13
C PHE A 30 -5.96 -0.26 -0.32
N ILE A 31 -6.34 -1.15 0.59
CA ILE A 31 -6.56 -2.55 0.22
C ILE A 31 -7.64 -2.66 -0.84
N SER A 33 -8.64 -0.39 -2.86
CA SER A 33 -8.17 0.23 -4.08
C SER A 33 -7.13 -0.65 -4.79
N LEU A 34 -6.41 -1.45 -4.02
CA LEU A 34 -5.41 -2.35 -4.59
C LEU A 34 -6.11 -3.48 -5.32
N ASP A 36 -9.02 -3.20 -6.41
CA ASP A 36 -9.65 -2.46 -7.51
C ASP A 36 -8.72 -2.41 -8.72
N ASP A 37 -7.49 -1.98 -8.50
CA ASP A 37 -6.49 -1.93 -9.56
C ASP A 37 -5.11 -2.23 -8.98
N PRO A 38 -4.60 -3.45 -9.22
CA PRO A 38 -3.32 -3.90 -8.68
C PRO A 38 -2.12 -3.24 -9.35
N SER A 39 -2.37 -2.44 -10.37
CA SER A 39 -1.31 -1.72 -11.06
C SER A 39 -1.06 -0.37 -10.39
N GLN A 40 -2.07 0.12 -9.69
CA GLN A 40 -1.94 1.36 -8.92
C GLN A 40 -1.34 1.08 -7.56
N SER A 41 -0.91 -0.16 -7.36
CA SER A 41 -0.36 -0.60 -6.09
C SER A 41 0.85 0.22 -5.67
N ALA A 42 1.65 0.66 -6.64
CA ALA A 42 2.82 1.48 -6.36
C ALA A 42 2.40 2.87 -5.89
N ASN A 43 1.33 3.38 -6.51
CA ASN A 43 0.78 4.67 -6.12
C ASN A 43 0.15 4.58 -4.73
N LEU A 44 -0.54 3.48 -4.50
CA LEU A 44 -1.19 3.24 -3.23
C LEU A 44 -0.14 3.09 -2.13
N LEU A 45 0.93 2.38 -2.45
CA LEU A 45 2.07 2.26 -1.55
C LEU A 45 2.62 3.63 -1.23
N ALA A 46 2.85 4.43 -2.26
CA ALA A 46 3.40 5.76 -2.11
C ALA A 46 2.54 6.62 -1.18
N GLU A 47 1.25 6.66 -1.45
CA GLU A 47 0.34 7.49 -0.67
C GLU A 47 0.21 6.96 0.76
N ALA A 48 0.15 5.65 0.88
CA ALA A 48 0.05 5.01 2.19
C ALA A 48 1.29 5.30 3.02
N LYS A 49 2.45 5.24 2.39
CA LYS A 49 3.72 5.53 3.06
C LYS A 49 3.78 7.00 3.44
N LYS A 50 3.26 7.85 2.57
CA LYS A 50 3.17 9.29 2.86
C LYS A 50 2.36 9.51 4.12
N LEU A 51 1.14 8.98 4.12
CA LEU A 51 0.23 9.14 5.25
C LEU A 51 0.84 8.51 6.51
N ASN A 52 1.48 7.37 6.33
CA ASN A 52 2.13 6.68 7.43
C ASN A 52 3.18 7.56 8.09
N ASP A 53 4.05 8.14 7.28
CA ASP A 53 5.11 8.99 7.81
C ASP A 53 4.53 10.28 8.38
N ALA A 54 3.52 10.80 7.72
CA ALA A 54 2.86 12.02 8.15
C ALA A 54 2.24 11.86 9.54
N GLN A 55 1.65 10.69 9.78
CA GLN A 55 0.97 10.43 11.03
C GLN A 55 1.91 9.83 12.07
N ALA A 56 3.17 9.64 11.69
CA ALA A 56 4.17 9.10 12.59
C ALA A 56 4.44 10.08 13.75
N PRO A 57 4.73 9.55 14.95
CA PRO A 57 4.98 10.37 16.13
C PRO A 57 6.24 11.21 15.99
N LYS A 58 6.17 12.43 16.50
CA LYS A 58 7.27 13.38 16.38
C LYS A 58 8.24 13.22 17.54
N ALA A 1 -6.36 -19.41 -12.46
CA ALA A 1 -5.00 -19.01 -12.04
C ALA A 1 -4.93 -17.50 -11.82
N ASP A 2 -5.31 -16.73 -12.83
CA ASP A 2 -5.29 -15.26 -12.75
C ASP A 2 -3.87 -14.73 -12.64
N ASN A 3 -3.32 -14.25 -13.74
CA ASN A 3 -1.99 -13.65 -13.73
C ASN A 3 -2.12 -12.17 -13.42
N LYS A 4 -2.34 -11.86 -12.14
CA LYS A 4 -2.57 -10.49 -11.71
C LYS A 4 -1.63 -10.13 -10.57
N PHE A 5 -1.86 -10.75 -9.42
CA PHE A 5 -1.11 -10.43 -8.22
C PHE A 5 0.20 -11.22 -8.17
N ASN A 6 1.26 -10.60 -8.65
CA ASN A 6 2.58 -11.24 -8.63
C ASN A 6 3.25 -11.03 -7.28
N LYS A 7 4.50 -11.47 -7.17
CA LYS A 7 5.23 -11.40 -5.90
C LYS A 7 5.27 -9.97 -5.36
N GLU A 8 5.57 -9.02 -6.22
CA GLU A 8 5.72 -7.62 -5.80
C GLU A 8 4.37 -7.07 -5.31
N GLN A 9 3.28 -7.64 -5.80
CA GLN A 9 1.95 -7.22 -5.37
C GLN A 9 1.69 -7.71 -3.95
N GLN A 10 2.13 -8.93 -3.66
CA GLN A 10 2.06 -9.48 -2.31
C GLN A 10 2.91 -8.63 -1.37
N ASN A 11 4.10 -8.28 -1.85
CA ASN A 11 5.00 -7.42 -1.09
C ASN A 11 4.36 -6.08 -0.81
N ALA A 12 3.78 -5.48 -1.85
CA ALA A 12 3.11 -4.18 -1.73
C ALA A 12 2.00 -4.24 -0.69
N PHE A 13 1.16 -5.26 -0.79
CA PHE A 13 0.08 -5.49 0.16
C PHE A 13 0.65 -5.55 1.58
N TYR A 14 1.67 -6.38 1.75
CA TYR A 14 2.31 -6.55 3.04
C TYR A 14 2.85 -5.22 3.57
N GLU A 15 3.50 -4.46 2.69
CA GLU A 15 4.09 -3.17 3.07
C GLU A 15 3.02 -2.21 3.56
N ILE A 16 1.91 -2.12 2.81
CA ILE A 16 0.81 -1.23 3.17
C ILE A 16 0.23 -1.60 4.53
N LEU A 17 0.03 -2.89 4.75
CA LEU A 17 -0.55 -3.35 6.01
C LEU A 17 0.47 -3.33 7.14
N HIS A 18 1.75 -3.33 6.79
CA HIS A 18 2.82 -3.34 7.79
C HIS A 18 3.05 -1.92 8.33
N LEU A 19 2.53 -0.92 7.62
CA LEU A 19 2.66 0.46 8.05
C LEU A 19 1.94 0.68 9.38
N PRO A 20 2.72 0.96 10.44
CA PRO A 20 2.19 1.03 11.81
C PRO A 20 1.35 2.28 12.07
N ASN A 21 1.69 3.36 11.39
CA ASN A 21 1.05 4.65 11.65
C ASN A 21 -0.10 4.88 10.69
N LEU A 22 -0.25 3.98 9.73
CA LEU A 22 -1.31 4.08 8.76
C LEU A 22 -2.65 3.72 9.41
N ASN A 23 -3.48 4.73 9.60
CA ASN A 23 -4.81 4.54 10.17
C ASN A 23 -5.58 3.48 9.38
N GLU A 24 -6.17 2.55 10.13
CA GLU A 24 -6.86 1.39 9.58
C GLU A 24 -7.87 1.77 8.52
N GLN A 26 -7.77 4.29 6.32
CA GLN A 26 -7.05 4.51 5.06
C GLN A 26 -6.44 3.21 4.56
N ARG A 27 -6.01 2.36 5.48
CA ARG A 27 -5.48 1.04 5.13
C ARG A 27 -6.54 0.26 4.37
N ALA A 29 -9.01 1.56 2.76
CA ALA A 29 -9.12 2.24 1.48
C ALA A 29 -8.07 1.75 0.48
N PHE A 30 -6.84 1.59 0.93
CA PHE A 30 -5.75 1.13 0.07
C PHE A 30 -5.96 -0.31 -0.37
N ILE A 31 -6.39 -1.18 0.55
CA ILE A 31 -6.67 -2.57 0.20
C ILE A 31 -7.80 -2.64 -0.81
N SER A 33 -8.75 -0.34 -2.89
CA SER A 33 -8.27 0.22 -4.15
C SER A 33 -7.33 -0.77 -4.87
N LEU A 34 -6.52 -1.48 -4.11
CA LEU A 34 -5.60 -2.46 -4.67
C LEU A 34 -6.39 -3.63 -5.26
N ASP A 36 -9.38 -3.48 -6.29
CA ASP A 36 -10.08 -2.95 -7.46
C ASP A 36 -9.14 -2.83 -8.64
N ASP A 37 -7.97 -2.25 -8.42
CA ASP A 37 -7.01 -2.04 -9.49
C ASP A 37 -5.58 -2.14 -8.97
N PRO A 38 -4.97 -3.33 -9.10
CA PRO A 38 -3.57 -3.58 -8.69
C PRO A 38 -2.57 -2.90 -9.61
N SER A 39 -3.06 -2.17 -10.59
CA SER A 39 -2.20 -1.45 -11.51
C SER A 39 -1.65 -0.19 -10.85
N GLN A 40 -2.29 0.21 -9.75
CA GLN A 40 -1.89 1.42 -9.03
C GLN A 40 -1.29 1.08 -7.67
N SER A 41 -0.90 -0.19 -7.49
CA SER A 41 -0.39 -0.67 -6.21
C SER A 41 0.86 0.10 -5.77
N ALA A 42 1.70 0.49 -6.72
CA ALA A 42 2.91 1.24 -6.41
C ALA A 42 2.55 2.63 -5.91
N ASN A 43 1.54 3.22 -6.52
CA ASN A 43 1.07 4.54 -6.11
C ASN A 43 0.36 4.45 -4.77
N LEU A 44 -0.31 3.33 -4.54
CA LEU A 44 -0.96 3.07 -3.28
C LEU A 44 0.09 2.95 -2.17
N LEU A 45 1.19 2.30 -2.50
CA LEU A 45 2.35 2.25 -1.60
C LEU A 45 2.82 3.65 -1.26
N ALA A 46 2.98 4.46 -2.31
CA ALA A 46 3.44 5.83 -2.14
C ALA A 46 2.51 6.61 -1.19
N GLU A 47 1.23 6.63 -1.52
CA GLU A 47 0.24 7.34 -0.72
C GLU A 47 0.23 6.83 0.72
N ALA A 48 0.21 5.50 0.84
CA ALA A 48 0.14 4.85 2.16
C ALA A 48 1.34 5.21 3.02
N LYS A 49 2.53 5.15 2.45
CA LYS A 49 3.75 5.42 3.20
C LYS A 49 3.84 6.91 3.54
N LYS A 50 3.39 7.76 2.62
CA LYS A 50 3.33 9.19 2.88
C LYS A 50 2.41 9.46 4.06
N LEU A 51 1.25 8.84 4.05
CA LEU A 51 0.28 8.98 5.13
C LEU A 51 0.83 8.40 6.42
N ASN A 52 1.52 7.26 6.32
CA ASN A 52 2.13 6.63 7.49
C ASN A 52 3.13 7.57 8.14
N ASP A 53 3.88 8.26 7.32
CA ASP A 53 4.87 9.22 7.80
C ASP A 53 4.19 10.44 8.39
N ALA A 54 3.11 10.86 7.76
CA ALA A 54 2.37 12.04 8.21
C ALA A 54 1.64 11.77 9.52
N GLN A 55 1.15 10.55 9.67
CA GLN A 55 0.39 10.16 10.86
C GLN A 55 1.32 9.59 11.92
N ALA A 56 2.61 9.82 11.75
CA ALA A 56 3.60 9.36 12.71
C ALA A 56 3.57 10.22 13.97
N PRO A 57 3.62 9.57 15.15
CA PRO A 57 3.63 10.28 16.44
C PRO A 57 4.90 11.11 16.64
N LYS A 58 5.96 10.74 15.93
CA LYS A 58 7.23 11.44 16.02
C LYS A 58 7.82 11.65 14.64
N ALA A 1 7.36 -16.17 -17.25
CA ALA A 1 8.15 -14.94 -17.01
C ALA A 1 7.37 -13.95 -16.17
N ASP A 2 6.08 -13.80 -16.46
CA ASP A 2 5.24 -12.87 -15.70
C ASP A 2 3.78 -13.21 -15.90
N ASN A 3 2.97 -12.90 -14.91
CA ASN A 3 1.52 -13.04 -15.00
C ASN A 3 0.88 -11.68 -14.83
N LYS A 4 1.31 -10.75 -15.68
CA LYS A 4 0.86 -9.35 -15.64
C LYS A 4 1.43 -8.63 -14.42
N PHE A 5 0.85 -8.90 -13.27
CA PHE A 5 1.30 -8.27 -12.04
C PHE A 5 2.32 -9.17 -11.36
N ASN A 6 3.42 -8.58 -10.94
CA ASN A 6 4.50 -9.34 -10.34
C ASN A 6 4.39 -9.33 -8.82
N LYS A 7 5.42 -9.78 -8.13
CA LYS A 7 5.42 -9.79 -6.68
C LYS A 7 5.27 -8.39 -6.10
N GLU A 8 5.55 -7.38 -6.93
CA GLU A 8 5.42 -5.98 -6.54
C GLU A 8 4.06 -5.69 -5.90
N GLN A 9 3.02 -6.29 -6.45
CA GLN A 9 1.66 -6.11 -5.94
C GLN A 9 1.56 -6.60 -4.49
N GLN A 10 1.99 -7.83 -4.26
CA GLN A 10 1.95 -8.43 -2.93
C GLN A 10 2.89 -7.70 -1.98
N ASN A 11 4.02 -7.24 -2.50
CA ASN A 11 4.97 -6.47 -1.71
C ASN A 11 4.32 -5.19 -1.24
N ALA A 12 3.64 -4.51 -2.15
CA ALA A 12 2.97 -3.26 -1.84
C ALA A 12 1.87 -3.49 -0.82
N PHE A 13 1.05 -4.51 -1.05
CA PHE A 13 0.00 -4.88 -0.12
C PHE A 13 0.58 -5.12 1.27
N TYR A 14 1.58 -5.98 1.33
CA TYR A 14 2.26 -6.30 2.58
C TYR A 14 2.78 -5.04 3.27
N GLU A 15 3.48 -4.21 2.51
CA GLU A 15 4.09 -3.00 3.08
C GLU A 15 3.02 -2.03 3.58
N ILE A 16 1.90 -1.94 2.87
CA ILE A 16 0.79 -1.10 3.28
C ILE A 16 0.23 -1.57 4.62
N LEU A 17 0.04 -2.87 4.74
CA LEU A 17 -0.49 -3.44 5.98
C LEU A 17 0.59 -3.50 7.05
N HIS A 18 1.84 -3.36 6.64
CA HIS A 18 2.97 -3.37 7.57
C HIS A 18 3.18 -1.98 8.16
N LEU A 19 2.61 -0.96 7.50
CA LEU A 19 2.71 0.42 7.97
C LEU A 19 2.08 0.57 9.35
N PRO A 20 2.90 0.89 10.37
CA PRO A 20 2.47 0.90 11.77
C PRO A 20 1.65 2.14 12.14
N ASN A 21 1.71 3.17 11.30
CA ASN A 21 1.05 4.43 11.60
C ASN A 21 -0.21 4.59 10.76
N LEU A 22 -0.42 3.66 9.85
CA LEU A 22 -1.54 3.73 8.93
C LEU A 22 -2.84 3.35 9.65
N ASN A 23 -3.71 4.33 9.85
CA ASN A 23 -4.97 4.09 10.54
C ASN A 23 -5.87 3.16 9.74
N GLU A 24 -6.80 2.47 10.41
CA GLU A 24 -7.63 1.46 9.77
C GLU A 24 -8.35 2.01 8.55
N GLN A 26 -7.57 4.33 6.52
CA GLN A 26 -6.63 4.48 5.42
C GLN A 26 -6.21 3.12 4.87
N ARG A 27 -5.86 2.19 5.76
CA ARG A 27 -5.42 0.86 5.34
C ARG A 27 -6.51 0.16 4.53
N ALA A 29 -8.94 1.57 2.99
CA ALA A 29 -9.06 2.31 1.74
C ALA A 29 -8.04 1.84 0.71
N PHE A 30 -6.78 1.76 1.11
CA PHE A 30 -5.72 1.35 0.19
C PHE A 30 -5.90 -0.09 -0.28
N ILE A 31 -6.29 -0.98 0.63
CA ILE A 31 -6.56 -2.36 0.25
C ILE A 31 -7.69 -2.42 -0.78
N SER A 33 -8.62 -0.08 -2.78
CA SER A 33 -8.13 0.52 -4.01
C SER A 33 -7.17 -0.42 -4.76
N LEU A 34 -6.42 -1.21 -4.00
CA LEU A 34 -5.46 -2.13 -4.58
C LEU A 34 -6.20 -3.28 -5.25
N ASP A 36 -9.17 -3.07 -6.20
CA ASP A 36 -9.88 -2.38 -7.28
C ASP A 36 -9.03 -2.36 -8.55
N ASP A 37 -7.78 -1.95 -8.41
CA ASP A 37 -6.85 -1.94 -9.54
C ASP A 37 -5.43 -2.15 -9.06
N PRO A 38 -4.93 -3.39 -9.16
CA PRO A 38 -3.57 -3.75 -8.73
C PRO A 38 -2.49 -3.02 -9.52
N SER A 39 -2.90 -2.36 -10.60
CA SER A 39 -1.96 -1.58 -11.39
C SER A 39 -1.46 -0.37 -10.61
N GLN A 40 -2.21 0.00 -9.58
CA GLN A 40 -1.87 1.17 -8.77
C GLN A 40 -1.21 0.76 -7.46
N SER A 41 -0.94 -0.53 -7.31
CA SER A 41 -0.44 -1.09 -6.05
C SER A 41 0.79 -0.33 -5.52
N ALA A 42 1.79 -0.15 -6.36
CA ALA A 42 3.02 0.52 -5.95
C ALA A 42 2.78 1.99 -5.62
N ASN A 43 1.86 2.61 -6.35
CA ASN A 43 1.53 4.01 -6.13
C ASN A 43 0.72 4.17 -4.86
N LEU A 44 -0.17 3.21 -4.63
CA LEU A 44 -0.96 3.18 -3.40
C LEU A 44 -0.03 2.96 -2.22
N LEU A 45 1.00 2.17 -2.44
CA LEU A 45 2.04 1.96 -1.45
C LEU A 45 2.72 3.28 -1.13
N ALA A 46 3.10 4.01 -2.17
CA ALA A 46 3.74 5.31 -2.02
C ALA A 46 2.85 6.27 -1.21
N GLU A 47 1.59 6.36 -1.61
CA GLU A 47 0.63 7.22 -0.94
C GLU A 47 0.44 6.79 0.51
N ALA A 48 0.35 5.49 0.71
CA ALA A 48 0.20 4.91 2.04
C ALA A 48 1.39 5.26 2.92
N LYS A 49 2.58 5.22 2.35
CA LYS A 49 3.79 5.56 3.09
C LYS A 49 3.81 7.04 3.43
N LYS A 50 3.33 7.86 2.50
CA LYS A 50 3.24 9.30 2.75
C LYS A 50 2.27 9.59 3.88
N LEU A 51 1.11 8.94 3.84
CA LEU A 51 0.11 9.10 4.89
C LEU A 51 0.60 8.49 6.19
N ASN A 52 1.38 7.42 6.09
CA ASN A 52 1.96 6.78 7.26
C ASN A 52 2.97 7.70 7.92
N ASP A 53 3.70 8.44 7.11
CA ASP A 53 4.67 9.42 7.60
C ASP A 53 3.94 10.60 8.23
N ALA A 54 2.81 10.96 7.65
CA ALA A 54 1.98 12.03 8.17
C ALA A 54 1.33 11.61 9.48
N GLN A 55 1.00 10.33 9.59
CA GLN A 55 0.39 9.77 10.78
C GLN A 55 1.46 9.24 11.73
N ALA A 56 2.71 9.61 11.49
CA ALA A 56 3.81 9.18 12.34
C ALA A 56 3.80 9.93 13.66
N PRO A 57 3.71 9.21 14.79
CA PRO A 57 3.74 9.81 16.12
C PRO A 57 5.10 10.43 16.42
N LYS A 58 5.17 11.23 17.47
CA LYS A 58 6.41 11.89 17.84
C LYS A 58 7.47 10.85 18.23
N ALA A 1 -4.73 -8.33 -14.31
CA ALA A 1 -3.27 -8.15 -14.11
C ALA A 1 -2.65 -9.40 -13.46
N ASP A 2 -2.95 -10.57 -14.02
CA ASP A 2 -2.50 -11.84 -13.45
C ASP A 2 -0.99 -11.93 -13.39
N ASN A 3 -0.34 -11.76 -14.54
CA ASN A 3 1.11 -11.90 -14.61
C ASN A 3 1.79 -10.56 -14.45
N LYS A 4 1.00 -9.51 -14.25
CA LYS A 4 1.56 -8.18 -14.01
C LYS A 4 1.65 -7.91 -12.51
N PHE A 5 0.60 -8.25 -11.78
CA PHE A 5 0.58 -8.03 -10.35
C PHE A 5 -0.02 -9.22 -9.62
N ASN A 6 0.80 -10.25 -9.45
CA ASN A 6 0.41 -11.41 -8.66
C ASN A 6 1.17 -11.39 -7.34
N LYS A 7 2.47 -11.61 -7.43
CA LYS A 7 3.32 -11.58 -6.25
C LYS A 7 3.54 -10.14 -5.80
N GLU A 8 3.75 -9.25 -6.78
CA GLU A 8 3.96 -7.84 -6.49
C GLU A 8 2.74 -7.24 -5.80
N GLN A 9 1.58 -7.82 -6.09
CA GLN A 9 0.34 -7.43 -5.44
C GLN A 9 0.42 -7.75 -3.96
N GLN A 10 0.91 -8.95 -3.66
CA GLN A 10 1.08 -9.39 -2.28
C GLN A 10 2.16 -8.57 -1.59
N ASN A 11 3.21 -8.24 -2.35
CA ASN A 11 4.30 -7.42 -1.84
C ASN A 11 3.77 -6.06 -1.40
N ALA A 12 3.05 -5.40 -2.30
CA ALA A 12 2.48 -4.09 -2.02
C ALA A 12 1.50 -4.17 -0.86
N PHE A 13 0.65 -5.19 -0.88
CA PHE A 13 -0.30 -5.44 0.18
C PHE A 13 0.41 -5.49 1.53
N TYR A 14 1.45 -6.31 1.60
CA TYR A 14 2.23 -6.46 2.81
C TYR A 14 2.84 -5.13 3.24
N GLU A 15 3.43 -4.41 2.30
CA GLU A 15 4.07 -3.13 2.58
C GLU A 15 3.09 -2.13 3.19
N ILE A 16 1.87 -2.10 2.65
CA ILE A 16 0.84 -1.20 3.14
C ILE A 16 0.40 -1.59 4.55
N LEU A 17 0.16 -2.88 4.75
CA LEU A 17 -0.32 -3.35 6.04
C LEU A 17 0.80 -3.37 7.09
N HIS A 18 2.04 -3.28 6.64
CA HIS A 18 3.17 -3.24 7.55
C HIS A 18 3.30 -1.85 8.18
N LEU A 19 2.61 -0.87 7.60
CA LEU A 19 2.66 0.50 8.08
C LEU A 19 1.95 0.62 9.42
N PRO A 20 2.71 0.95 10.48
CA PRO A 20 2.19 0.99 11.85
C PRO A 20 1.34 2.23 12.15
N ASN A 21 1.59 3.31 11.42
CA ASN A 21 0.93 4.59 11.68
C ASN A 21 -0.26 4.77 10.76
N LEU A 22 -0.43 3.84 9.84
CA LEU A 22 -1.50 3.90 8.87
C LEU A 22 -2.84 3.61 9.53
N ASN A 23 -3.70 4.64 9.56
CA ASN A 23 -5.04 4.50 10.12
C ASN A 23 -5.81 3.41 9.38
N GLU A 24 -6.56 2.62 10.15
CA GLU A 24 -7.28 1.46 9.63
C GLU A 24 -8.24 1.84 8.51
N GLN A 26 -7.90 4.32 6.36
CA GLN A 26 -7.04 4.52 5.20
C GLN A 26 -6.58 3.18 4.66
N ARG A 27 -6.14 2.31 5.55
CA ARG A 27 -5.66 0.98 5.20
C ARG A 27 -6.73 0.22 4.41
N ALA A 29 -9.18 1.49 2.73
CA ALA A 29 -9.31 2.16 1.43
C ALA A 29 -8.22 1.69 0.46
N PHE A 30 -6.99 1.62 0.96
CA PHE A 30 -5.87 1.21 0.14
C PHE A 30 -6.01 -0.24 -0.30
N ILE A 31 -6.40 -1.12 0.61
CA ILE A 31 -6.64 -2.52 0.27
C ILE A 31 -7.72 -2.63 -0.80
N SER A 33 -8.68 -0.37 -2.98
CA SER A 33 -8.20 0.17 -4.24
C SER A 33 -7.18 -0.76 -4.89
N LEU A 34 -6.37 -1.42 -4.07
CA LEU A 34 -5.33 -2.30 -4.56
C LEU A 34 -5.94 -3.59 -5.13
N ASP A 36 -8.92 -3.98 -6.10
CA ASP A 36 -9.70 -3.60 -7.27
C ASP A 36 -8.79 -3.35 -8.48
N ASP A 37 -7.75 -2.55 -8.29
CA ASP A 37 -6.84 -2.25 -9.37
C ASP A 37 -5.39 -2.35 -8.88
N PRO A 38 -4.78 -3.53 -9.06
CA PRO A 38 -3.41 -3.79 -8.58
C PRO A 38 -2.37 -3.04 -9.40
N SER A 39 -2.79 -2.40 -10.48
CA SER A 39 -1.87 -1.64 -11.32
C SER A 39 -1.55 -0.31 -10.66
N GLN A 40 -2.31 0.05 -9.64
CA GLN A 40 -2.07 1.28 -8.90
C GLN A 40 -1.40 1.00 -7.57
N SER A 41 -1.00 -0.25 -7.37
CA SER A 41 -0.44 -0.71 -6.10
C SER A 41 0.77 0.12 -5.66
N ALA A 42 1.63 0.49 -6.60
CA ALA A 42 2.83 1.25 -6.28
C ALA A 42 2.47 2.66 -5.83
N ASN A 43 1.45 3.22 -6.45
CA ASN A 43 0.99 4.56 -6.12
C ASN A 43 0.27 4.54 -4.77
N LEU A 44 -0.44 3.45 -4.52
CA LEU A 44 -1.12 3.25 -3.26
C LEU A 44 -0.09 3.07 -2.15
N LEU A 45 0.99 2.38 -2.47
CA LEU A 45 2.13 2.26 -1.57
C LEU A 45 2.64 3.64 -1.21
N ALA A 46 2.87 4.44 -2.23
CA ALA A 46 3.35 5.80 -2.04
C ALA A 46 2.45 6.58 -1.10
N GLU A 47 1.16 6.65 -1.44
CA GLU A 47 0.19 7.39 -0.63
C GLU A 47 0.16 6.88 0.80
N ALA A 48 0.10 5.57 0.94
CA ALA A 48 0.03 4.93 2.25
C ALA A 48 1.26 5.25 3.09
N LYS A 49 2.44 5.14 2.51
CA LYS A 49 3.67 5.39 3.23
C LYS A 49 3.85 6.87 3.54
N LYS A 50 3.37 7.72 2.63
CA LYS A 50 3.40 9.16 2.86
C LYS A 50 2.51 9.50 4.05
N LEU A 51 1.30 8.94 4.06
CA LEU A 51 0.38 9.13 5.17
C LEU A 51 0.94 8.55 6.46
N ASN A 52 1.55 7.39 6.35
CA ASN A 52 2.14 6.71 7.50
C ASN A 52 3.22 7.58 8.15
N ASP A 53 4.05 8.18 7.30
CA ASP A 53 5.12 9.04 7.80
C ASP A 53 4.54 10.35 8.34
N ALA A 54 3.51 10.85 7.67
CA ALA A 54 2.86 12.08 8.08
C ALA A 54 2.19 11.92 9.44
N GLN A 55 1.65 10.73 9.68
CA GLN A 55 0.95 10.45 10.92
C GLN A 55 1.88 9.79 11.94
N ALA A 56 3.17 9.85 11.68
CA ALA A 56 4.17 9.29 12.59
C ALA A 56 4.21 10.09 13.89
N PRO A 57 4.28 9.40 15.05
CA PRO A 57 4.38 10.05 16.35
C PRO A 57 5.70 10.81 16.51
N LYS A 58 5.71 12.03 16.00
CA LYS A 58 6.91 12.85 16.04
C LYS A 58 6.86 13.80 17.22
N ALA A 1 2.74 -11.54 -23.57
CA ALA A 1 3.50 -11.52 -22.29
C ALA A 1 2.63 -12.04 -21.16
N ASP A 2 3.28 -12.59 -20.14
CA ASP A 2 2.57 -13.14 -19.00
C ASP A 2 3.01 -12.46 -17.71
N ASN A 3 2.94 -11.13 -17.71
CA ASN A 3 3.34 -10.35 -16.56
C ASN A 3 2.16 -10.19 -15.60
N LYS A 4 2.09 -11.06 -14.61
CA LYS A 4 0.97 -11.08 -13.68
C LYS A 4 1.45 -10.89 -12.25
N PHE A 5 0.51 -10.67 -11.34
CA PHE A 5 0.84 -10.37 -9.96
C PHE A 5 1.03 -11.64 -9.13
N ASN A 6 2.23 -12.19 -9.19
CA ASN A 6 2.55 -13.40 -8.46
C ASN A 6 2.93 -13.05 -7.01
N LYS A 7 3.87 -12.14 -6.87
CA LYS A 7 4.33 -11.74 -5.54
C LYS A 7 4.21 -10.23 -5.34
N GLU A 8 4.29 -9.46 -6.42
CA GLU A 8 4.29 -8.01 -6.35
C GLU A 8 3.06 -7.46 -5.62
N GLN A 9 1.89 -8.00 -5.94
CA GLN A 9 0.65 -7.55 -5.31
C GLN A 9 0.68 -7.83 -3.81
N GLN A 10 1.18 -9.01 -3.46
CA GLN A 10 1.28 -9.42 -2.07
C GLN A 10 2.30 -8.56 -1.33
N ASN A 11 3.37 -8.20 -2.02
CA ASN A 11 4.40 -7.34 -1.45
C ASN A 11 3.83 -5.96 -1.12
N ALA A 12 3.14 -5.38 -2.09
CA ALA A 12 2.53 -4.07 -1.90
C ALA A 12 1.49 -4.12 -0.79
N PHE A 13 0.64 -5.13 -0.85
CA PHE A 13 -0.38 -5.37 0.16
C PHE A 13 0.26 -5.44 1.54
N TYR A 14 1.29 -6.26 1.66
CA TYR A 14 1.99 -6.42 2.92
C TYR A 14 2.60 -5.10 3.38
N GLU A 15 3.22 -4.37 2.47
CA GLU A 15 3.85 -3.10 2.82
C GLU A 15 2.86 -2.12 3.39
N ILE A 16 1.70 -2.03 2.77
CA ILE A 16 0.65 -1.12 3.23
C ILE A 16 0.13 -1.54 4.60
N LEU A 17 -0.10 -2.83 4.78
CA LEU A 17 -0.62 -3.34 6.04
C LEU A 17 0.47 -3.36 7.12
N HIS A 18 1.72 -3.31 6.70
CA HIS A 18 2.84 -3.35 7.63
C HIS A 18 3.12 -1.96 8.20
N LEU A 19 2.53 -0.95 7.60
CA LEU A 19 2.69 0.43 8.06
C LEU A 19 2.01 0.62 9.42
N PRO A 20 2.81 0.88 10.46
CA PRO A 20 2.31 0.96 11.84
C PRO A 20 1.52 2.24 12.13
N ASN A 21 1.76 3.27 11.34
CA ASN A 21 1.14 4.56 11.58
C ASN A 21 0.01 4.82 10.60
N LEU A 22 -0.29 3.80 9.80
CA LEU A 22 -1.36 3.90 8.84
C LEU A 22 -2.69 3.56 9.50
N ASN A 23 -3.53 4.57 9.69
CA ASN A 23 -4.86 4.39 10.26
C ASN A 23 -5.64 3.34 9.47
N GLU A 24 -6.33 2.48 10.22
CA GLU A 24 -7.05 1.35 9.65
C GLU A 24 -8.03 1.77 8.57
N GLN A 26 -7.79 4.35 6.35
CA GLN A 26 -7.06 4.53 5.10
C GLN A 26 -6.51 3.20 4.59
N ARG A 27 -6.09 2.34 5.52
CA ARG A 27 -5.60 1.01 5.16
C ARG A 27 -6.68 0.23 4.42
N ALA A 29 -9.18 1.53 2.74
CA ALA A 29 -9.29 2.19 1.44
C ALA A 29 -8.22 1.70 0.47
N PHE A 30 -6.99 1.60 0.95
CA PHE A 30 -5.88 1.15 0.12
C PHE A 30 -6.05 -0.31 -0.29
N ILE A 31 -6.49 -1.15 0.64
CA ILE A 31 -6.73 -2.56 0.32
C ILE A 31 -7.77 -2.69 -0.78
N SER A 33 -8.76 -0.47 -2.94
CA SER A 33 -8.27 0.11 -4.18
C SER A 33 -7.21 -0.78 -4.83
N LEU A 34 -6.41 -1.47 -4.01
CA LEU A 34 -5.37 -2.33 -4.53
C LEU A 34 -5.97 -3.58 -5.14
N ASP A 36 -8.90 -3.79 -6.39
CA ASP A 36 -9.59 -3.37 -7.59
C ASP A 36 -8.62 -2.97 -8.70
N ASP A 37 -7.60 -2.19 -8.33
CA ASP A 37 -6.58 -1.75 -9.29
C ASP A 37 -5.18 -2.09 -8.79
N PRO A 38 -4.75 -3.35 -8.93
CA PRO A 38 -3.42 -3.79 -8.48
C PRO A 38 -2.30 -3.13 -9.27
N SER A 39 -2.63 -2.62 -10.45
CA SER A 39 -1.65 -1.98 -11.31
C SER A 39 -1.35 -0.56 -10.82
N GLN A 40 -2.04 -0.15 -9.77
CA GLN A 40 -1.82 1.16 -9.18
C GLN A 40 -1.21 1.01 -7.79
N SER A 41 -0.73 -0.19 -7.50
CA SER A 41 -0.18 -0.51 -6.18
C SER A 41 0.98 0.41 -5.81
N ALA A 42 1.74 0.86 -6.81
CA ALA A 42 2.85 1.76 -6.57
C ALA A 42 2.36 3.10 -6.03
N ASN A 43 1.30 3.61 -6.64
CA ASN A 43 0.69 4.87 -6.18
C ASN A 43 0.13 4.71 -4.79
N LEU A 44 -0.50 3.57 -4.57
CA LEU A 44 -1.11 3.27 -3.29
C LEU A 44 -0.05 3.12 -2.21
N LEU A 45 1.07 2.52 -2.58
CA LEU A 45 2.22 2.40 -1.68
C LEU A 45 2.76 3.78 -1.32
N ALA A 46 2.96 4.60 -2.33
CA ALA A 46 3.46 5.96 -2.12
C ALA A 46 2.57 6.72 -1.14
N GLU A 47 1.28 6.76 -1.43
CA GLU A 47 0.32 7.46 -0.59
C GLU A 47 0.28 6.87 0.81
N ALA A 48 0.22 5.54 0.89
CA ALA A 48 0.18 4.86 2.17
C ALA A 48 1.41 5.20 3.02
N LYS A 49 2.58 5.15 2.41
CA LYS A 49 3.82 5.45 3.10
C LYS A 49 3.86 6.90 3.53
N LYS A 50 3.38 7.79 2.68
CA LYS A 50 3.38 9.21 2.97
C LYS A 50 2.40 9.55 4.09
N LEU A 51 1.26 8.86 4.09
CA LEU A 51 0.28 9.03 5.15
C LEU A 51 0.81 8.43 6.45
N ASN A 52 1.52 7.32 6.33
CA ASN A 52 2.16 6.69 7.47
C ASN A 52 3.22 7.61 8.05
N ASP A 53 3.92 8.30 7.16
CA ASP A 53 4.96 9.24 7.54
C ASP A 53 4.36 10.49 8.16
N ALA A 54 3.20 10.89 7.65
CA ALA A 54 2.48 12.04 8.16
C ALA A 54 1.92 11.74 9.55
N GLN A 55 1.39 10.54 9.72
CA GLN A 55 0.81 10.12 10.98
C GLN A 55 1.88 9.59 11.92
N ALA A 56 3.13 9.62 11.44
CA ALA A 56 4.27 9.19 12.24
C ALA A 56 4.54 10.19 13.35
N PRO A 57 4.64 9.72 14.60
CA PRO A 57 4.96 10.57 15.75
C PRO A 57 6.31 11.25 15.60
N LYS A 58 6.27 12.56 15.46
CA LYS A 58 7.49 13.35 15.31
C LYS A 58 7.25 14.78 15.79
N ALA A 1 -3.34 -13.32 -13.82
CA ALA A 1 -2.23 -12.35 -13.62
C ALA A 1 -0.88 -13.06 -13.64
N ASP A 2 -0.49 -13.56 -14.81
CA ASP A 2 0.75 -14.30 -14.96
C ASP A 2 1.94 -13.36 -14.80
N ASN A 3 2.02 -12.39 -15.69
CA ASN A 3 3.10 -11.41 -15.66
C ASN A 3 2.61 -10.10 -15.09
N LYS A 4 1.41 -10.13 -14.52
CA LYS A 4 0.80 -8.95 -13.96
C LYS A 4 0.91 -8.98 -12.44
N PHE A 5 1.98 -8.39 -11.93
CA PHE A 5 2.23 -8.30 -10.49
C PHE A 5 2.26 -9.70 -9.87
N ASN A 6 3.20 -10.52 -10.32
CA ASN A 6 3.35 -11.90 -9.83
C ASN A 6 3.44 -11.95 -8.31
N LYS A 7 4.42 -11.24 -7.75
CA LYS A 7 4.53 -11.13 -6.30
C LYS A 7 4.50 -9.66 -5.89
N GLU A 8 4.50 -8.78 -6.87
CA GLU A 8 4.54 -7.34 -6.61
C GLU A 8 3.27 -6.89 -5.90
N GLN A 9 2.16 -7.52 -6.25
CA GLN A 9 0.87 -7.20 -5.65
C GLN A 9 0.85 -7.63 -4.18
N GLN A 10 1.35 -8.84 -3.93
CA GLN A 10 1.48 -9.37 -2.58
C GLN A 10 2.44 -8.50 -1.76
N ASN A 11 3.53 -8.09 -2.40
CA ASN A 11 4.54 -7.23 -1.80
C ASN A 11 3.91 -5.91 -1.37
N ALA A 12 3.16 -5.30 -2.28
CA ALA A 12 2.50 -4.03 -2.01
C ALA A 12 1.51 -4.15 -0.87
N PHE A 13 0.71 -5.21 -0.91
CA PHE A 13 -0.24 -5.50 0.16
C PHE A 13 0.48 -5.59 1.50
N TYR A 14 1.53 -6.39 1.53
CA TYR A 14 2.36 -6.55 2.72
C TYR A 14 2.84 -5.20 3.23
N GLU A 15 3.40 -4.39 2.34
CA GLU A 15 3.94 -3.08 2.69
C GLU A 15 2.88 -2.20 3.32
N ILE A 16 1.71 -2.15 2.71
CA ILE A 16 0.61 -1.31 3.21
C ILE A 16 0.18 -1.74 4.61
N LEU A 17 0.05 -3.04 4.81
CA LEU A 17 -0.38 -3.56 6.11
C LEU A 17 0.78 -3.61 7.10
N HIS A 18 1.99 -3.40 6.60
CA HIS A 18 3.17 -3.35 7.46
C HIS A 18 3.29 -2.00 8.13
N LEU A 19 2.62 -1.01 7.55
CA LEU A 19 2.66 0.37 8.05
C LEU A 19 1.94 0.50 9.39
N PRO A 20 2.67 0.82 10.46
CA PRO A 20 2.14 0.89 11.82
C PRO A 20 1.35 2.18 12.10
N ASN A 21 1.65 3.23 11.35
CA ASN A 21 1.06 4.53 11.61
C ASN A 21 -0.08 4.82 10.63
N LEU A 22 -0.35 3.84 9.79
CA LEU A 22 -1.40 3.98 8.79
C LEU A 22 -2.77 3.77 9.44
N ASN A 23 -3.59 4.81 9.40
CA ASN A 23 -4.94 4.75 9.95
C ASN A 23 -5.74 3.65 9.27
N GLU A 24 -6.48 2.91 10.09
CA GLU A 24 -7.24 1.74 9.66
C GLU A 24 -8.19 2.06 8.51
N GLN A 26 -7.90 4.45 6.21
CA GLN A 26 -7.10 4.63 5.00
C GLN A 26 -6.55 3.29 4.53
N ARG A 27 -6.08 2.47 5.45
CA ARG A 27 -5.55 1.16 5.10
C ARG A 27 -6.61 0.32 4.41
N ALA A 29 -9.10 1.47 2.74
CA ALA A 29 -9.26 2.09 1.43
C ALA A 29 -8.17 1.64 0.46
N PHE A 30 -6.93 1.60 0.94
CA PHE A 30 -5.79 1.20 0.12
C PHE A 30 -5.92 -0.27 -0.30
N ILE A 31 -6.28 -1.13 0.64
CA ILE A 31 -6.47 -2.54 0.33
C ILE A 31 -7.56 -2.72 -0.73
N SER A 33 -8.67 -0.57 -2.86
CA SER A 33 -8.21 0.00 -4.12
C SER A 33 -7.12 -0.83 -4.77
N LEU A 34 -6.36 -1.56 -3.97
CA LEU A 34 -5.31 -2.41 -4.50
C LEU A 34 -5.93 -3.65 -5.13
N ASP A 36 -8.89 -3.72 -6.24
CA ASP A 36 -9.64 -3.21 -7.39
C ASP A 36 -8.68 -2.82 -8.52
N ASP A 37 -7.64 -2.06 -8.19
CA ASP A 37 -6.64 -1.65 -9.18
C ASP A 37 -5.25 -2.10 -8.75
N PRO A 38 -4.88 -3.36 -9.04
CA PRO A 38 -3.54 -3.88 -8.70
C PRO A 38 -2.43 -3.12 -9.40
N SER A 39 -2.80 -2.38 -10.45
CA SER A 39 -1.85 -1.59 -11.20
C SER A 39 -1.42 -0.35 -10.43
N GLN A 40 -2.30 0.14 -9.56
CA GLN A 40 -2.04 1.36 -8.83
C GLN A 40 -1.38 1.05 -7.49
N SER A 41 -0.93 -0.18 -7.33
CA SER A 41 -0.34 -0.63 -6.08
C SER A 41 0.85 0.22 -5.66
N ALA A 42 1.67 0.63 -6.62
CA ALA A 42 2.84 1.46 -6.33
C ALA A 42 2.42 2.84 -5.85
N ASN A 43 1.39 3.38 -6.48
CA ASN A 43 0.88 4.69 -6.09
C ASN A 43 0.19 4.62 -4.75
N LEU A 44 -0.51 3.51 -4.51
CA LEU A 44 -1.17 3.26 -3.24
C LEU A 44 -0.12 3.15 -2.14
N LEU A 45 0.99 2.49 -2.45
CA LEU A 45 2.12 2.40 -1.54
C LEU A 45 2.66 3.78 -1.22
N ALA A 46 2.83 4.59 -2.25
CA ALA A 46 3.34 5.94 -2.10
C ALA A 46 2.47 6.74 -1.14
N GLU A 47 1.17 6.75 -1.39
CA GLU A 47 0.23 7.49 -0.56
C GLU A 47 0.17 6.92 0.84
N ALA A 48 0.13 5.60 0.93
CA ALA A 48 0.05 4.91 2.22
C ALA A 48 1.26 5.25 3.08
N LYS A 49 2.45 5.13 2.52
CA LYS A 49 3.68 5.41 3.25
C LYS A 49 3.80 6.90 3.54
N LYS A 50 3.25 7.72 2.65
CA LYS A 50 3.21 9.15 2.85
C LYS A 50 2.37 9.49 4.08
N LEU A 51 1.18 8.92 4.13
CA LEU A 51 0.26 9.16 5.23
C LEU A 51 0.78 8.53 6.52
N ASN A 52 1.42 7.37 6.37
CA ASN A 52 2.04 6.69 7.50
C ASN A 52 3.15 7.54 8.09
N ASP A 53 3.93 8.15 7.22
CA ASP A 53 5.02 9.03 7.63
C ASP A 53 4.47 10.28 8.29
N ALA A 54 3.39 10.81 7.72
CA ALA A 54 2.76 12.01 8.23
C ALA A 54 2.08 11.76 9.57
N GLN A 55 1.61 10.54 9.78
CA GLN A 55 0.92 10.18 11.00
C GLN A 55 1.88 9.50 11.98
N ALA A 56 3.18 9.60 11.71
CA ALA A 56 4.18 9.03 12.59
C ALA A 56 4.28 9.83 13.88
N PRO A 57 4.11 9.18 15.04
CA PRO A 57 4.18 9.85 16.35
C PRO A 57 5.53 10.48 16.60
N LYS A 58 5.55 11.79 16.74
CA LYS A 58 6.79 12.50 17.00
C LYS A 58 7.09 12.49 18.49
N ALA A 1 -3.28 -16.48 -17.13
CA ALA A 1 -3.43 -15.46 -18.18
C ALA A 1 -3.09 -14.07 -17.65
N ASP A 2 -2.02 -13.99 -16.85
CA ASP A 2 -1.58 -12.71 -16.31
C ASP A 2 -0.09 -12.76 -16.03
N ASN A 3 0.61 -11.70 -16.38
CA ASN A 3 2.06 -11.66 -16.22
C ASN A 3 2.52 -10.29 -15.74
N LYS A 4 1.88 -9.79 -14.69
CA LYS A 4 2.24 -8.50 -14.12
C LYS A 4 2.43 -8.61 -12.61
N PHE A 5 1.35 -8.92 -11.91
CA PHE A 5 1.38 -8.97 -10.46
C PHE A 5 1.30 -10.40 -9.96
N ASN A 6 2.44 -11.06 -9.86
CA ASN A 6 2.51 -12.40 -9.33
C ASN A 6 2.66 -12.35 -7.81
N LYS A 7 3.76 -11.77 -7.35
CA LYS A 7 3.97 -11.60 -5.93
C LYS A 7 4.11 -10.12 -5.58
N GLU A 8 4.24 -9.30 -6.61
CA GLU A 8 4.37 -7.85 -6.43
C GLU A 8 3.17 -7.30 -5.68
N GLN A 9 1.99 -7.80 -6.02
CA GLN A 9 0.75 -7.42 -5.36
C GLN A 9 0.83 -7.76 -3.87
N GLN A 10 1.35 -8.94 -3.58
CA GLN A 10 1.48 -9.42 -2.21
C GLN A 10 2.49 -8.58 -1.45
N ASN A 11 3.58 -8.21 -2.13
CA ASN A 11 4.60 -7.37 -1.54
C ASN A 11 4.03 -6.01 -1.17
N ALA A 12 3.29 -5.43 -2.10
CA ALA A 12 2.65 -4.13 -1.88
C ALA A 12 1.66 -4.21 -0.73
N PHE A 13 0.83 -5.25 -0.76
CA PHE A 13 -0.14 -5.51 0.30
C PHE A 13 0.56 -5.55 1.66
N TYR A 14 1.59 -6.37 1.75
CA TYR A 14 2.36 -6.52 2.96
C TYR A 14 2.93 -5.17 3.41
N GLU A 15 3.48 -4.41 2.48
CA GLU A 15 4.07 -3.12 2.79
C GLU A 15 3.04 -2.16 3.38
N ILE A 16 1.89 -2.08 2.76
CA ILE A 16 0.83 -1.18 3.21
C ILE A 16 0.33 -1.57 4.60
N LEU A 17 0.15 -2.86 4.83
CA LEU A 17 -0.35 -3.34 6.10
C LEU A 17 0.74 -3.36 7.17
N HIS A 18 2.00 -3.29 6.73
CA HIS A 18 3.13 -3.25 7.64
C HIS A 18 3.21 -1.89 8.34
N LEU A 19 2.59 -0.88 7.73
CA LEU A 19 2.64 0.48 8.24
C LEU A 19 1.85 0.62 9.53
N PRO A 20 2.54 0.95 10.63
CA PRO A 20 1.93 1.05 11.96
C PRO A 20 1.18 2.36 12.18
N ASN A 21 1.55 3.39 11.43
CA ASN A 21 0.99 4.71 11.61
C ASN A 21 -0.16 4.94 10.64
N LEU A 22 -0.46 3.91 9.86
CA LEU A 22 -1.53 3.98 8.88
C LEU A 22 -2.86 3.72 9.54
N ASN A 23 -3.78 4.66 9.41
CA ASN A 23 -5.08 4.58 10.06
C ASN A 23 -5.94 3.49 9.42
N GLU A 24 -6.76 2.81 10.22
CA GLU A 24 -7.57 1.69 9.74
C GLU A 24 -8.33 2.04 8.46
N GLN A 26 -7.89 4.36 6.25
CA GLN A 26 -6.98 4.57 5.14
C GLN A 26 -6.48 3.24 4.58
N ARG A 27 -6.01 2.37 5.48
CA ARG A 27 -5.48 1.08 5.09
C ARG A 27 -6.55 0.25 4.37
N ALA A 29 -9.02 1.44 2.67
CA ALA A 29 -9.16 2.06 1.35
C ALA A 29 -8.06 1.58 0.40
N PHE A 30 -6.83 1.50 0.91
CA PHE A 30 -5.71 1.06 0.10
C PHE A 30 -5.85 -0.40 -0.33
N ILE A 31 -6.24 -1.27 0.61
CA ILE A 31 -6.47 -2.67 0.29
C ILE A 31 -7.56 -2.81 -0.75
N SER A 33 -8.70 -0.62 -2.95
CA SER A 33 -8.31 -0.10 -4.26
C SER A 33 -7.26 -0.98 -4.93
N LEU A 34 -6.36 -1.54 -4.13
CA LEU A 34 -5.32 -2.42 -4.64
C LEU A 34 -5.96 -3.67 -5.24
N ASP A 36 -9.01 -3.92 -6.12
CA ASP A 36 -9.87 -3.44 -7.20
C ASP A 36 -9.10 -3.35 -8.51
N ASP A 37 -8.00 -2.61 -8.49
CA ASP A 37 -7.17 -2.46 -9.67
C ASP A 37 -5.71 -2.34 -9.25
N PRO A 38 -4.97 -3.47 -9.31
CA PRO A 38 -3.59 -3.57 -8.81
C PRO A 38 -2.61 -2.66 -9.53
N SER A 39 -3.05 -2.06 -10.63
CA SER A 39 -2.21 -1.15 -11.39
C SER A 39 -1.94 0.13 -10.60
N GLN A 40 -2.72 0.32 -9.53
CA GLN A 40 -2.59 1.50 -8.68
C GLN A 40 -1.70 1.21 -7.48
N SER A 41 -1.20 -0.02 -7.39
CA SER A 41 -0.46 -0.48 -6.20
C SER A 41 0.72 0.41 -5.86
N ALA A 42 1.42 0.91 -6.88
CA ALA A 42 2.59 1.76 -6.66
C ALA A 42 2.18 3.08 -6.04
N ASN A 43 1.11 3.67 -6.55
CA ASN A 43 0.62 4.94 -6.03
C ASN A 43 0.01 4.75 -4.66
N LEU A 44 -0.63 3.61 -4.46
CA LEU A 44 -1.23 3.27 -3.18
C LEU A 44 -0.14 3.10 -2.13
N LEU A 45 0.94 2.44 -2.52
CA LEU A 45 2.12 2.32 -1.67
C LEU A 45 2.65 3.69 -1.32
N ALA A 46 2.81 4.53 -2.33
CA ALA A 46 3.33 5.88 -2.14
C ALA A 46 2.48 6.68 -1.16
N GLU A 47 1.17 6.69 -1.37
CA GLU A 47 0.27 7.43 -0.50
C GLU A 47 0.26 6.84 0.90
N ALA A 48 0.23 5.52 0.98
CA ALA A 48 0.23 4.83 2.27
C ALA A 48 1.47 5.16 3.07
N LYS A 49 2.63 5.06 2.43
CA LYS A 49 3.89 5.37 3.08
C LYS A 49 3.93 6.83 3.49
N LYS A 50 3.39 7.68 2.63
CA LYS A 50 3.32 9.10 2.88
C LYS A 50 2.46 9.40 4.11
N LEU A 51 1.31 8.73 4.19
CA LEU A 51 0.40 8.93 5.30
C LEU A 51 0.95 8.34 6.58
N ASN A 52 1.66 7.22 6.45
CA ASN A 52 2.33 6.61 7.59
C ASN A 52 3.41 7.54 8.14
N ASP A 53 4.13 8.16 7.21
CA ASP A 53 5.16 9.13 7.55
C ASP A 53 4.55 10.38 8.18
N ALA A 54 3.43 10.81 7.63
CA ALA A 54 2.74 11.99 8.12
C ALA A 54 2.17 11.77 9.51
N GLN A 55 1.70 10.55 9.75
CA GLN A 55 1.08 10.20 11.02
C GLN A 55 2.07 9.51 11.95
N ALA A 56 3.35 9.72 11.69
CA ALA A 56 4.39 9.16 12.53
C ALA A 56 4.50 9.94 13.83
N PRO A 57 4.87 9.27 14.94
CA PRO A 57 5.02 9.91 16.25
C PRO A 57 6.09 11.00 16.25
N LYS A 58 5.66 12.21 15.94
CA LYS A 58 6.56 13.34 15.90
C LYS A 58 6.62 14.01 17.27
N ALA A 1 -7.91 -8.20 -17.49
CA ALA A 1 -6.68 -8.75 -18.11
C ALA A 1 -5.44 -8.25 -17.38
N ASP A 2 -5.30 -8.63 -16.11
CA ASP A 2 -4.12 -8.25 -15.35
C ASP A 2 -3.24 -9.46 -15.12
N ASN A 3 -1.97 -9.35 -15.49
CA ASN A 3 -1.02 -10.44 -15.32
C ASN A 3 0.41 -9.91 -15.36
N LYS A 4 0.69 -8.97 -14.48
CA LYS A 4 2.02 -8.41 -14.35
C LYS A 4 2.45 -8.37 -12.89
N PHE A 5 1.68 -9.04 -12.04
CA PHE A 5 1.91 -9.02 -10.62
C PHE A 5 1.99 -10.43 -10.04
N ASN A 6 3.17 -11.02 -10.10
CA ASN A 6 3.41 -12.32 -9.52
C ASN A 6 3.46 -12.21 -8.00
N LYS A 7 4.45 -11.49 -7.50
CA LYS A 7 4.63 -11.31 -6.07
C LYS A 7 4.59 -9.83 -5.70
N GLU A 8 4.76 -8.97 -6.70
CA GLU A 8 4.86 -7.53 -6.48
C GLU A 8 3.61 -6.98 -5.79
N GLN A 9 2.44 -7.46 -6.20
CA GLN A 9 1.18 -7.00 -5.62
C GLN A 9 1.08 -7.42 -4.15
N GLN A 10 1.49 -8.64 -3.87
CA GLN A 10 1.49 -9.15 -2.50
C GLN A 10 2.48 -8.37 -1.64
N ASN A 11 3.62 -8.05 -2.23
CA ASN A 11 4.64 -7.27 -1.54
C ASN A 11 4.12 -5.88 -1.21
N ALA A 12 3.47 -5.25 -2.16
CA ALA A 12 2.87 -3.94 -1.95
C ALA A 12 1.83 -3.99 -0.85
N PHE A 13 0.98 -5.01 -0.92
CA PHE A 13 -0.03 -5.26 0.10
C PHE A 13 0.61 -5.39 1.48
N TYR A 14 1.60 -6.26 1.58
CA TYR A 14 2.33 -6.49 2.81
C TYR A 14 2.92 -5.19 3.35
N GLU A 15 3.53 -4.41 2.47
CA GLU A 15 4.16 -3.14 2.85
C GLU A 15 3.12 -2.16 3.41
N ILE A 16 1.98 -2.07 2.75
CA ILE A 16 0.91 -1.18 3.18
C ILE A 16 0.40 -1.58 4.56
N LEU A 17 0.22 -2.88 4.77
CA LEU A 17 -0.25 -3.37 6.06
C LEU A 17 0.86 -3.34 7.10
N HIS A 18 2.10 -3.25 6.64
CA HIS A 18 3.26 -3.17 7.52
C HIS A 18 3.35 -1.78 8.15
N LEU A 19 2.68 -0.82 7.54
CA LEU A 19 2.69 0.55 8.03
C LEU A 19 1.91 0.68 9.33
N PRO A 20 2.61 0.96 10.44
CA PRO A 20 2.00 1.00 11.77
C PRO A 20 1.30 2.32 12.08
N ASN A 21 1.54 3.32 11.24
CA ASN A 21 0.97 4.65 11.45
C ASN A 21 -0.17 4.88 10.48
N LEU A 22 -0.51 3.84 9.75
CA LEU A 22 -1.57 3.92 8.76
C LEU A 22 -2.91 3.58 9.42
N ASN A 23 -3.78 4.58 9.51
CA ASN A 23 -5.08 4.41 10.17
C ASN A 23 -5.93 3.36 9.45
N GLU A 24 -6.75 2.64 10.19
CA GLU A 24 -7.50 1.51 9.64
C GLU A 24 -8.31 1.92 8.41
N GLN A 26 -7.82 4.27 6.32
CA GLN A 26 -6.90 4.50 5.23
C GLN A 26 -6.42 3.19 4.63
N ARG A 27 -5.97 2.29 5.50
CA ARG A 27 -5.46 0.98 5.08
C ARG A 27 -6.54 0.21 4.33
N ALA A 29 -9.02 1.48 2.72
CA ALA A 29 -9.17 2.16 1.44
C ALA A 29 -8.12 1.70 0.44
N PHE A 30 -6.86 1.68 0.87
CA PHE A 30 -5.76 1.27 0.01
C PHE A 30 -5.91 -0.18 -0.44
N ILE A 31 -6.28 -1.07 0.49
CA ILE A 31 -6.49 -2.47 0.16
C ILE A 31 -7.61 -2.60 -0.88
N SER A 33 -8.79 -0.37 -2.98
CA SER A 33 -8.38 0.19 -4.26
C SER A 33 -7.35 -0.71 -4.94
N LEU A 34 -6.52 -1.37 -4.15
CA LEU A 34 -5.48 -2.24 -4.66
C LEU A 34 -6.09 -3.51 -5.26
N ASP A 36 -9.08 -3.77 -6.26
CA ASP A 36 -9.85 -3.31 -7.41
C ASP A 36 -8.93 -3.04 -8.61
N ASP A 37 -7.87 -2.27 -8.38
CA ASP A 37 -6.90 -1.97 -9.43
C ASP A 37 -5.50 -2.29 -8.93
N PRO A 38 -5.00 -3.49 -9.23
CA PRO A 38 -3.69 -3.95 -8.75
C PRO A 38 -2.54 -3.17 -9.39
N SER A 39 -2.84 -2.39 -10.42
CA SER A 39 -1.81 -1.66 -11.12
C SER A 39 -1.49 -0.35 -10.41
N GLN A 40 -2.35 0.03 -9.46
CA GLN A 40 -2.12 1.21 -8.65
C GLN A 40 -1.47 0.85 -7.32
N SER A 41 -1.10 -0.41 -7.18
CA SER A 41 -0.57 -0.93 -5.93
C SER A 41 0.63 -0.12 -5.42
N ALA A 42 1.53 0.24 -6.33
CA ALA A 42 2.72 0.99 -5.97
C ALA A 42 2.38 2.42 -5.60
N ASN A 43 1.40 2.98 -6.31
CA ASN A 43 0.96 4.34 -6.05
C ASN A 43 0.24 4.42 -4.72
N LEU A 44 -0.57 3.42 -4.45
CA LEU A 44 -1.30 3.32 -3.19
C LEU A 44 -0.31 3.10 -2.06
N LEU A 45 0.71 2.31 -2.33
CA LEU A 45 1.80 2.09 -1.38
C LEU A 45 2.47 3.41 -1.07
N ALA A 46 2.75 4.18 -2.11
CA ALA A 46 3.38 5.49 -1.97
C ALA A 46 2.55 6.40 -1.08
N GLU A 47 1.27 6.54 -1.41
CA GLU A 47 0.35 7.38 -0.63
C GLU A 47 0.30 6.90 0.82
N ALA A 48 0.20 5.60 0.99
CA ALA A 48 0.16 4.99 2.31
C ALA A 48 1.42 5.33 3.10
N LYS A 49 2.57 5.29 2.44
CA LYS A 49 3.84 5.63 3.08
C LYS A 49 3.86 7.10 3.49
N LYS A 50 3.34 7.96 2.62
CA LYS A 50 3.25 9.39 2.91
C LYS A 50 2.39 9.63 4.14
N LEU A 51 1.23 9.00 4.16
CA LEU A 51 0.31 9.13 5.29
C LEU A 51 0.91 8.52 6.55
N ASN A 52 1.58 7.39 6.39
CA ASN A 52 2.22 6.71 7.50
C ASN A 52 3.30 7.59 8.12
N ASP A 53 4.09 8.21 7.27
CA ASP A 53 5.14 9.12 7.73
C ASP A 53 4.52 10.36 8.38
N ALA A 54 3.44 10.84 7.80
CA ALA A 54 2.75 12.02 8.31
C ALA A 54 2.18 11.75 9.70
N GLN A 55 1.65 10.56 9.89
CA GLN A 55 1.04 10.18 11.16
C GLN A 55 2.04 9.44 12.05
N ALA A 56 3.32 9.60 11.74
CA ALA A 56 4.37 8.95 12.51
C ALA A 56 4.68 9.74 13.78
N PRO A 57 4.75 9.06 14.93
CA PRO A 57 5.08 9.69 16.21
C PRO A 57 6.46 10.34 16.17
N LYS A 58 6.49 11.66 16.24
CA LYS A 58 7.73 12.42 16.18
C LYS A 58 8.46 12.34 17.52
#